data_4OXI
#
_entry.id   4OXI
#
_cell.length_a   116.039
_cell.length_b   116.039
_cell.length_c   99.584
_cell.angle_alpha   90.00
_cell.angle_beta   90.00
_cell.angle_gamma   120.00
#
_symmetry.space_group_name_H-M   'P 31 2 1'
#
loop_
_entity.id
_entity.type
_entity.pdbx_description
1 polymer 'Enterobactin synthetase component F-related protein'
2 non-polymer "GLYCYL-ADENOSINE-5'-PHOSPHATE"
3 water water
#
_entity_poly.entity_id   1
_entity_poly.type   'polypeptide(L)'
_entity_poly.pdbx_seq_one_letter_code
;MGSSHHHHHHSSGLVPRGSHMPYNSATDLLQREGYGVVHNQFINNMAMYCETRHSILAAIQANRHAPALWVKQKTYTYQE
MTDMALSLSDYWHLQGVQRVAILSVRDLAAYSAIWASYLGGMTYIPLNARATTEQIQETLIATQCDSIMVDAQQLSRLSS
LLETCIDRLHIYALPDVDVEPLRQQYPQHTFHTVQITEQDVELLVVKYHLDNEHEYAYIMQTSGSTGKPKRIAVSYSNLH
CYISQIDKLFPLNAQDRVGQYSDLTFDLSVHDIFYSLISGACLYVVPELAKLSPAEFIHHHQLTVWLSVPTVIELALQRQ
TLTPHSLPSLRLSFFCGQALLHDLAEQWQQATQQPVINLYGPTECTIAVTYHRFVAHSGMASVPIGRAFEEECLAIINEQ
GELMRFESAPEGYRGELLLSGKQLVKGYLNDPLNTQSAFFQHEGRLWYRSGDIVTKSNGVLIHLGRRDHQVKIAGQRVEL
EEIETVVRRVTQAHSVAIVPWPLSESGYASGTVAFVDTHTQWQPDLWLSQCKQQLNPTFVPKRWYAIEQLPRNANGKTDI
KALQQQLASQTYETSH
;
_entity_poly.pdbx_strand_id   A
#
loop_
_chem_comp.id
_chem_comp.type
_chem_comp.name
_chem_comp.formula
GAP non-polymer GLYCYL-ADENOSINE-5'-PHOSPHATE 'C12 H17 N6 O8 P'
#
# COMPACT_ATOMS: atom_id res chain seq x y z
N TYR A 35 4.37 -58.85 7.41
CA TYR A 35 4.61 -57.51 6.88
C TYR A 35 5.87 -57.46 6.02
N GLY A 36 5.78 -56.77 4.88
CA GLY A 36 6.92 -56.61 3.99
C GLY A 36 7.95 -55.64 4.51
N VAL A 37 9.22 -55.89 4.20
CA VAL A 37 10.31 -55.02 4.65
C VAL A 37 10.35 -53.79 3.77
N VAL A 38 10.35 -52.61 4.39
CA VAL A 38 10.31 -51.36 3.63
C VAL A 38 11.62 -50.58 3.71
N HIS A 39 12.17 -50.23 2.55
CA HIS A 39 13.46 -49.54 2.49
C HIS A 39 13.31 -48.02 2.54
N ASN A 40 12.30 -47.51 1.83
CA ASN A 40 12.02 -46.07 1.86
C ASN A 40 10.53 -45.73 1.84
N GLN A 41 10.20 -44.53 2.32
CA GLN A 41 8.84 -43.98 2.28
C GLN A 41 8.91 -42.55 1.75
N PHE A 42 7.87 -42.13 1.03
CA PHE A 42 7.74 -40.73 0.63
C PHE A 42 6.28 -40.32 0.78
N ILE A 43 6.05 -39.16 1.39
CA ILE A 43 4.70 -38.58 1.51
C ILE A 43 4.66 -37.20 0.83
N ASN A 44 3.71 -37.00 -0.11
CA ASN A 44 3.62 -35.75 -0.88
C ASN A 44 3.62 -34.45 -0.06
N CYS A 50 1.67 -24.87 2.01
CA CYS A 50 2.31 -23.57 2.21
C CYS A 50 2.76 -23.31 3.67
N GLU A 51 4.07 -23.30 3.87
CA GLU A 51 4.66 -23.05 5.18
C GLU A 51 4.20 -21.74 5.83
N THR A 52 4.16 -20.65 5.05
CA THR A 52 3.79 -19.34 5.62
C THR A 52 2.34 -19.32 6.06
N ARG A 53 1.46 -19.84 5.22
CA ARG A 53 0.07 -19.97 5.63
C ARG A 53 -0.05 -20.83 6.88
N HIS A 54 0.77 -21.89 6.99
CA HIS A 54 0.73 -22.75 8.17
C HIS A 54 1.12 -21.98 9.42
N SER A 55 2.17 -21.17 9.30
CA SER A 55 2.63 -20.36 10.41
C SER A 55 1.54 -19.39 10.88
N ILE A 56 0.78 -18.85 9.94
CA ILE A 56 -0.28 -17.92 10.30
C ILE A 56 -1.39 -18.66 11.05
N LEU A 57 -1.81 -19.80 10.53
CA LEU A 57 -2.84 -20.59 11.21
C LEU A 57 -2.39 -21.02 12.61
N ALA A 58 -1.13 -21.42 12.74
CA ALA A 58 -0.59 -21.83 14.04
C ALA A 58 -0.57 -20.66 15.03
N ALA A 59 -0.14 -19.48 14.56
CA ALA A 59 -0.10 -18.28 15.38
C ALA A 59 -1.47 -17.91 15.95
N ILE A 60 -2.52 -18.08 15.14
CA ILE A 60 -3.88 -17.81 15.59
C ILE A 60 -4.25 -18.75 16.73
N GLN A 61 -3.91 -20.03 16.58
CA GLN A 61 -4.23 -21.03 17.59
C GLN A 61 -3.44 -20.79 18.87
N ALA A 62 -2.14 -20.57 18.73
CA ALA A 62 -1.27 -20.39 19.86
C ALA A 62 -1.62 -19.14 20.66
N ASN A 63 -2.22 -18.15 20.02
CA ASN A 63 -2.51 -16.90 20.73
C ASN A 63 -4.00 -16.55 20.76
N ARG A 64 -4.85 -17.56 20.76
CA ARG A 64 -6.30 -17.35 20.70
C ARG A 64 -6.86 -16.43 21.78
N HIS A 65 -6.26 -16.42 22.96
CA HIS A 65 -6.77 -15.60 24.06
C HIS A 65 -6.10 -14.23 24.14
N ALA A 66 -5.10 -14.01 23.27
CA ALA A 66 -4.34 -12.76 23.28
C ALA A 66 -5.00 -11.68 22.39
N PRO A 67 -4.71 -10.40 22.68
CA PRO A 67 -5.28 -9.33 21.83
C PRO A 67 -4.72 -9.37 20.40
N ALA A 68 -5.58 -9.33 19.39
CA ALA A 68 -5.13 -9.35 17.98
C ALA A 68 -5.24 -7.98 17.31
N LEU A 69 -6.22 -7.19 17.74
CA LEU A 69 -6.54 -5.94 17.06
C LEU A 69 -7.01 -4.89 18.07
N TRP A 70 -6.44 -3.69 17.98
CA TRP A 70 -7.01 -2.54 18.69
C TRP A 70 -7.48 -1.54 17.64
N VAL A 71 -8.74 -1.10 17.75
CA VAL A 71 -9.30 -0.10 16.83
C VAL A 71 -10.43 0.71 17.49
N LYS A 72 -10.31 2.03 17.44
CA LYS A 72 -11.33 2.91 18.04
C LYS A 72 -11.69 2.50 19.47
N GLN A 73 -10.69 2.45 20.33
CA GLN A 73 -10.88 2.22 21.77
C GLN A 73 -11.42 0.82 22.11
N LYS A 74 -11.43 -0.11 21.14
CA LYS A 74 -11.83 -1.49 21.46
C LYS A 74 -10.76 -2.50 21.09
N THR A 75 -10.64 -3.55 21.90
CA THR A 75 -9.65 -4.59 21.65
C THR A 75 -10.35 -5.91 21.34
N TYR A 76 -9.82 -6.66 20.38
CA TYR A 76 -10.41 -7.94 19.98
C TYR A 76 -9.34 -9.00 20.03
N THR A 77 -9.64 -10.12 20.68
CA THR A 77 -8.67 -11.23 20.76
C THR A 77 -8.58 -12.00 19.44
N TYR A 78 -7.56 -12.85 19.32
CA TYR A 78 -7.43 -13.71 18.15
C TYR A 78 -8.68 -14.57 17.96
N GLN A 79 -9.28 -15.00 19.06
CA GLN A 79 -10.46 -15.84 19.01
C GLN A 79 -11.63 -15.04 18.48
N GLU A 80 -11.80 -13.82 18.99
CA GLU A 80 -12.89 -12.99 18.54
C GLU A 80 -12.73 -12.61 17.07
N MET A 81 -11.51 -12.30 16.64
CA MET A 81 -11.27 -11.95 15.23
C MET A 81 -11.49 -13.18 14.35
N THR A 82 -11.12 -14.35 14.87
CA THR A 82 -11.29 -15.60 14.12
C THR A 82 -12.77 -15.92 13.92
N ASP A 83 -13.60 -15.70 14.95
CA ASP A 83 -15.03 -15.94 14.83
C ASP A 83 -15.63 -15.06 13.73
N MET A 84 -15.26 -13.77 13.73
CA MET A 84 -15.80 -12.87 12.74
C MET A 84 -15.28 -13.23 11.34
N ALA A 85 -13.99 -13.50 11.24
CA ALA A 85 -13.37 -13.79 9.95
C ALA A 85 -13.92 -15.07 9.32
N LEU A 86 -13.94 -16.18 10.06
CA LEU A 86 -14.47 -17.42 9.53
C LEU A 86 -15.99 -17.41 9.34
N SER A 87 -16.71 -16.56 10.06
CA SER A 87 -18.14 -16.42 9.78
C SER A 87 -18.35 -15.78 8.40
N LEU A 88 -17.63 -14.70 8.13
CA LEU A 88 -17.73 -14.04 6.83
C LEU A 88 -17.28 -14.99 5.74
N SER A 89 -16.13 -15.60 5.94
CA SER A 89 -15.52 -16.51 4.96
C SER A 89 -16.43 -17.71 4.61
N ASP A 90 -17.02 -18.33 5.62
CA ASP A 90 -17.93 -19.46 5.38
C ASP A 90 -19.11 -19.02 4.53
N TYR A 91 -19.68 -17.86 4.85
CA TYR A 91 -20.83 -17.36 4.14
C TYR A 91 -20.45 -17.08 2.67
N TRP A 92 -19.34 -16.37 2.45
CA TRP A 92 -18.87 -16.08 1.09
C TRP A 92 -18.60 -17.34 0.27
N HIS A 93 -18.01 -18.37 0.88
CA HIS A 93 -17.81 -19.66 0.21
C HIS A 93 -19.13 -20.25 -0.28
N LEU A 94 -20.14 -20.24 0.59
CA LEU A 94 -21.46 -20.76 0.24
C LEU A 94 -22.11 -19.92 -0.83
N GLN A 95 -21.76 -18.63 -0.88
CA GLN A 95 -22.28 -17.73 -1.92
C GLN A 95 -21.49 -17.85 -3.21
N GLY A 96 -20.34 -18.51 -3.17
CA GLY A 96 -19.51 -18.60 -4.36
C GLY A 96 -18.86 -17.27 -4.73
N VAL A 97 -18.58 -16.46 -3.70
CA VAL A 97 -17.90 -15.18 -3.85
C VAL A 97 -16.41 -15.44 -3.91
N GLN A 98 -15.72 -14.82 -4.86
CA GLN A 98 -14.26 -14.89 -4.90
C GLN A 98 -13.62 -13.54 -4.58
N ARG A 99 -14.23 -12.47 -5.07
CA ARG A 99 -13.67 -11.12 -4.88
C ARG A 99 -14.59 -10.23 -4.04
N VAL A 100 -14.04 -9.64 -2.99
CA VAL A 100 -14.82 -8.73 -2.16
C VAL A 100 -14.18 -7.37 -2.11
N ALA A 101 -14.96 -6.34 -2.41
CA ALA A 101 -14.46 -4.98 -2.27
C ALA A 101 -14.72 -4.48 -0.86
N ILE A 102 -13.79 -3.70 -0.33
CA ILE A 102 -13.92 -3.27 1.06
C ILE A 102 -14.04 -1.76 1.15
N LEU A 103 -15.23 -1.29 1.51
CA LEU A 103 -15.53 0.14 1.56
C LEU A 103 -15.20 0.69 2.96
N SER A 104 -15.38 -0.17 3.96
CA SER A 104 -15.03 0.16 5.33
C SER A 104 -13.56 0.53 5.43
N VAL A 105 -13.25 1.55 6.24
CA VAL A 105 -11.85 1.93 6.48
C VAL A 105 -11.59 2.20 7.96
N ARG A 106 -10.37 1.84 8.42
CA ARG A 106 -9.93 2.08 9.80
C ARG A 106 -10.97 1.68 10.82
N ASP A 107 -11.58 0.54 10.56
CA ASP A 107 -12.71 0.09 11.34
C ASP A 107 -12.66 -1.43 11.40
N LEU A 108 -13.24 -2.01 12.46
CA LEU A 108 -13.22 -3.45 12.67
C LEU A 108 -13.66 -4.22 11.42
N ALA A 109 -14.68 -3.73 10.74
CA ALA A 109 -15.25 -4.43 9.59
C ALA A 109 -14.22 -4.62 8.48
N ALA A 110 -13.35 -3.64 8.26
CA ALA A 110 -12.31 -3.80 7.23
C ALA A 110 -11.33 -4.91 7.57
N TYR A 111 -10.85 -4.93 8.82
CA TYR A 111 -9.86 -5.94 9.22
C TYR A 111 -10.48 -7.34 9.35
N SER A 112 -11.73 -7.41 9.79
CA SER A 112 -12.49 -8.66 9.81
C SER A 112 -12.55 -9.26 8.41
N ALA A 113 -12.91 -8.43 7.43
CA ALA A 113 -13.07 -8.89 6.04
C ALA A 113 -11.76 -9.28 5.41
N ILE A 114 -10.69 -8.57 5.76
CA ILE A 114 -9.36 -8.91 5.23
C ILE A 114 -8.86 -10.26 5.76
N TRP A 115 -9.02 -10.49 7.06
CA TRP A 115 -8.71 -11.81 7.64
C TRP A 115 -9.60 -12.87 7.00
N ALA A 116 -10.88 -12.55 6.82
CA ALA A 116 -11.84 -13.50 6.24
C ALA A 116 -11.41 -13.86 4.84
N SER A 117 -10.96 -12.86 4.09
CA SER A 117 -10.56 -13.13 2.71
C SER A 117 -9.30 -13.96 2.69
N TYR A 118 -8.33 -13.63 3.54
CA TYR A 118 -7.10 -14.40 3.59
C TYR A 118 -7.37 -15.86 4.02
N LEU A 119 -8.08 -16.04 5.12
CA LEU A 119 -8.34 -17.37 5.67
C LEU A 119 -9.13 -18.23 4.68
N GLY A 120 -9.99 -17.60 3.90
CA GLY A 120 -10.83 -18.30 2.94
C GLY A 120 -10.29 -18.42 1.52
N GLY A 121 -9.05 -17.98 1.29
CA GLY A 121 -8.50 -18.07 -0.06
C GLY A 121 -9.16 -17.16 -1.09
N MET A 122 -9.77 -16.07 -0.62
CA MET A 122 -10.43 -15.15 -1.54
C MET A 122 -9.58 -13.93 -1.89
N THR A 123 -10.17 -12.99 -2.63
CA THR A 123 -9.44 -11.81 -3.10
C THR A 123 -10.12 -10.57 -2.57
N TYR A 124 -9.36 -9.70 -1.89
CA TYR A 124 -9.97 -8.45 -1.44
C TYR A 124 -9.50 -7.26 -2.24
N ILE A 125 -10.39 -6.27 -2.34
CA ILE A 125 -10.13 -5.07 -3.12
C ILE A 125 -10.47 -3.84 -2.27
N PRO A 126 -9.45 -3.22 -1.68
CA PRO A 126 -9.77 -2.07 -0.82
C PRO A 126 -10.16 -0.87 -1.66
N LEU A 127 -11.19 -0.14 -1.25
CA LEU A 127 -11.64 1.03 -1.99
C LEU A 127 -11.16 2.29 -1.27
N ASN A 128 -10.73 3.29 -2.03
CA ASN A 128 -10.19 4.51 -1.41
C ASN A 128 -11.25 5.22 -0.58
N ALA A 129 -10.87 5.72 0.60
CA ALA A 129 -11.83 6.40 1.49
C ALA A 129 -12.43 7.64 0.84
N ARG A 130 -11.74 8.20 -0.13
CA ARG A 130 -12.25 9.39 -0.81
C ARG A 130 -12.56 9.17 -2.29
N ALA A 131 -12.73 7.93 -2.69
CA ALA A 131 -13.19 7.64 -4.04
C ALA A 131 -14.65 8.06 -4.16
N THR A 132 -14.98 8.61 -5.33
CA THR A 132 -16.34 9.00 -5.65
C THR A 132 -17.14 7.78 -6.05
N THR A 133 -18.45 7.97 -6.06
CA THR A 133 -19.37 6.95 -6.50
C THR A 133 -18.95 6.39 -7.86
N GLU A 134 -18.64 7.30 -8.78
CA GLU A 134 -18.25 6.91 -10.13
C GLU A 134 -16.96 6.11 -10.15
N GLN A 135 -15.98 6.53 -9.34
CA GLN A 135 -14.70 5.83 -9.30
C GLN A 135 -14.86 4.41 -8.75
N ILE A 136 -15.72 4.26 -7.75
CA ILE A 136 -16.01 2.96 -7.15
C ILE A 136 -16.65 2.04 -8.19
N GLN A 137 -17.63 2.56 -8.94
CA GLN A 137 -18.27 1.81 -10.02
C GLN A 137 -17.24 1.32 -11.03
N GLU A 138 -16.32 2.21 -11.43
CA GLU A 138 -15.28 1.82 -12.38
C GLU A 138 -14.44 0.68 -11.82
N THR A 139 -14.14 0.75 -10.52
CA THR A 139 -13.35 -0.30 -9.87
C THR A 139 -14.08 -1.65 -9.82
N LEU A 140 -15.33 -1.65 -9.41
CA LEU A 140 -16.14 -2.87 -9.36
C LEU A 140 -16.26 -3.52 -10.73
N ILE A 141 -16.39 -2.68 -11.74
CA ILE A 141 -16.50 -3.18 -13.10
C ILE A 141 -15.16 -3.77 -13.55
N ALA A 142 -14.08 -3.01 -13.39
CA ALA A 142 -12.77 -3.48 -13.83
C ALA A 142 -12.35 -4.78 -13.13
N THR A 143 -12.72 -4.94 -11.86
CA THR A 143 -12.34 -6.12 -11.11
C THR A 143 -13.45 -7.19 -11.06
N GLN A 144 -14.53 -6.99 -11.84
CA GLN A 144 -15.64 -7.94 -11.88
C GLN A 144 -16.10 -8.35 -10.48
N CYS A 145 -16.30 -7.36 -9.62
CA CYS A 145 -16.64 -7.62 -8.24
C CYS A 145 -18.02 -7.07 -7.95
N ASP A 146 -18.90 -7.90 -7.39
CA ASP A 146 -20.23 -7.41 -7.05
C ASP A 146 -20.53 -7.59 -5.56
N SER A 147 -19.48 -7.66 -4.73
CA SER A 147 -19.66 -7.86 -3.29
C SER A 147 -18.89 -6.80 -2.53
N ILE A 148 -19.55 -6.15 -1.58
CA ILE A 148 -18.95 -5.06 -0.87
C ILE A 148 -19.15 -5.16 0.64
N MET A 149 -18.05 -5.11 1.39
CA MET A 149 -18.11 -5.06 2.85
C MET A 149 -18.19 -3.62 3.30
N VAL A 150 -19.19 -3.32 4.13
CA VAL A 150 -19.40 -1.95 4.58
C VAL A 150 -19.45 -1.93 6.10
N ASP A 151 -19.62 -0.73 6.66
CA ASP A 151 -19.89 -0.55 8.09
C ASP A 151 -20.75 0.70 8.24
N ALA A 152 -21.13 1.02 9.47
CA ALA A 152 -22.05 2.15 9.71
C ALA A 152 -21.54 3.50 9.19
N GLN A 153 -20.24 3.74 9.28
CA GLN A 153 -19.68 5.02 8.83
C GLN A 153 -19.80 5.21 7.31
N GLN A 154 -19.91 4.12 6.56
CA GLN A 154 -19.92 4.21 5.09
C GLN A 154 -21.32 4.16 4.44
N LEU A 155 -22.37 4.05 5.24
CA LEU A 155 -23.71 3.87 4.69
C LEU A 155 -24.13 5.00 3.75
N SER A 156 -23.75 6.23 4.09
CA SER A 156 -24.06 7.36 3.21
C SER A 156 -23.37 7.26 1.84
N ARG A 157 -22.08 6.91 1.81
CA ARG A 157 -21.42 6.71 0.51
C ARG A 157 -22.00 5.52 -0.22
N LEU A 158 -22.35 4.47 0.53
CA LEU A 158 -22.94 3.29 -0.08
C LEU A 158 -24.26 3.65 -0.76
N SER A 159 -25.09 4.43 -0.06
CA SER A 159 -26.38 4.84 -0.64
C SER A 159 -26.24 5.53 -2.00
N SER A 160 -25.28 6.45 -2.14
CA SER A 160 -25.04 7.09 -3.45
C SER A 160 -24.66 6.05 -4.52
N LEU A 161 -23.88 5.05 -4.13
CA LEU A 161 -23.49 3.99 -5.07
C LEU A 161 -24.70 3.18 -5.48
N LEU A 162 -25.50 2.79 -4.49
CA LEU A 162 -26.64 1.90 -4.77
C LEU A 162 -27.65 2.60 -5.66
N GLU A 163 -27.75 3.91 -5.49
CA GLU A 163 -28.69 4.70 -6.28
C GLU A 163 -28.41 4.62 -7.77
N THR A 164 -27.15 4.59 -8.18
CA THR A 164 -26.87 4.62 -9.63
C THR A 164 -26.46 3.29 -10.25
N CYS A 165 -25.85 2.42 -9.46
CA CYS A 165 -25.46 1.10 -9.97
C CYS A 165 -26.70 0.30 -10.39
N ILE A 166 -26.73 -0.13 -11.65
CA ILE A 166 -27.89 -0.89 -12.13
C ILE A 166 -27.81 -2.38 -11.80
N ASP A 167 -26.60 -2.94 -11.89
CA ASP A 167 -26.38 -4.35 -11.56
C ASP A 167 -26.60 -4.62 -10.07
N ARG A 168 -27.14 -5.80 -9.73
CA ARG A 168 -27.36 -6.17 -8.34
C ARG A 168 -26.03 -6.28 -7.58
N LEU A 169 -25.89 -5.51 -6.49
CA LEU A 169 -24.71 -5.61 -5.65
C LEU A 169 -25.06 -6.40 -4.40
N HIS A 170 -24.07 -7.10 -3.85
CA HIS A 170 -24.26 -7.84 -2.61
C HIS A 170 -23.46 -7.20 -1.49
N ILE A 171 -24.20 -6.67 -0.52
CA ILE A 171 -23.65 -5.83 0.53
C ILE A 171 -23.50 -6.64 1.81
N TYR A 172 -22.31 -6.62 2.40
CA TYR A 172 -22.07 -7.40 3.61
C TYR A 172 -21.77 -6.47 4.77
N ALA A 173 -22.24 -6.83 5.96
CA ALA A 173 -21.96 -6.05 7.16
C ALA A 173 -22.06 -6.93 8.39
N LEU A 174 -21.33 -6.56 9.45
CA LEU A 174 -21.45 -7.25 10.73
C LEU A 174 -22.81 -6.92 11.37
N PRO A 175 -23.29 -7.74 12.33
CA PRO A 175 -24.66 -7.58 12.84
C PRO A 175 -24.95 -6.26 13.56
N ASP A 176 -23.93 -5.49 13.91
CA ASP A 176 -24.17 -4.23 14.59
C ASP A 176 -24.57 -3.10 13.64
N VAL A 177 -24.58 -3.39 12.34
CA VAL A 177 -24.92 -2.37 11.36
C VAL A 177 -26.38 -2.51 10.94
N ASP A 178 -27.16 -1.45 11.13
CA ASP A 178 -28.57 -1.52 10.77
C ASP A 178 -28.73 -1.25 9.28
N VAL A 179 -28.94 -2.33 8.52
CA VAL A 179 -29.04 -2.23 7.06
C VAL A 179 -30.49 -2.25 6.61
N GLU A 180 -31.41 -2.41 7.57
CA GLU A 180 -32.85 -2.49 7.28
C GLU A 180 -33.42 -1.35 6.43
N PRO A 181 -33.14 -0.08 6.78
CA PRO A 181 -33.68 0.97 5.92
C PRO A 181 -33.15 0.89 4.48
N LEU A 182 -31.86 0.60 4.31
CA LEU A 182 -31.31 0.55 2.96
C LEU A 182 -31.85 -0.68 2.25
N ARG A 183 -32.07 -1.75 3.01
CA ARG A 183 -32.63 -2.98 2.44
C ARG A 183 -33.98 -2.72 1.80
N GLN A 184 -34.79 -1.91 2.47
CA GLN A 184 -36.14 -1.57 2.01
C GLN A 184 -36.08 -0.60 0.86
N GLN A 185 -35.15 0.34 0.96
CA GLN A 185 -35.02 1.35 -0.07
C GLN A 185 -34.43 0.80 -1.37
N TYR A 186 -33.55 -0.20 -1.29
CA TYR A 186 -32.91 -0.72 -2.51
C TYR A 186 -33.12 -2.23 -2.74
N PRO A 187 -34.33 -2.62 -3.14
CA PRO A 187 -34.58 -4.06 -3.33
C PRO A 187 -33.87 -4.57 -4.57
N GLN A 188 -33.38 -3.66 -5.43
CA GLN A 188 -32.63 -4.06 -6.60
C GLN A 188 -31.21 -4.51 -6.20
N HIS A 189 -30.87 -4.33 -4.93
CA HIS A 189 -29.62 -4.85 -4.41
C HIS A 189 -29.93 -5.79 -3.26
N THR A 190 -28.94 -6.56 -2.82
CA THR A 190 -29.15 -7.58 -1.78
C THR A 190 -28.25 -7.35 -0.58
N PHE A 191 -28.83 -7.33 0.61
CA PHE A 191 -28.08 -7.07 1.83
C PHE A 191 -27.97 -8.32 2.67
N HIS A 192 -26.74 -8.66 3.04
CA HIS A 192 -26.48 -9.87 3.78
C HIS A 192 -25.98 -9.51 5.18
N THR A 193 -26.77 -9.78 6.20
CA THR A 193 -26.24 -9.68 7.54
C THR A 193 -25.69 -11.04 7.91
N VAL A 194 -24.40 -11.09 8.24
CA VAL A 194 -23.76 -12.36 8.54
C VAL A 194 -23.64 -12.49 10.06
N GLN A 195 -24.29 -13.50 10.62
CA GLN A 195 -24.20 -13.73 12.05
C GLN A 195 -22.80 -14.21 12.41
N ILE A 196 -22.34 -13.84 13.60
CA ILE A 196 -21.03 -14.26 14.06
C ILE A 196 -21.21 -15.55 14.85
N THR A 197 -20.63 -16.63 14.35
CA THR A 197 -20.69 -17.94 14.97
C THR A 197 -19.36 -18.15 15.66
N GLU A 198 -19.34 -18.87 16.78
CA GLU A 198 -18.07 -19.20 17.42
C GLU A 198 -17.37 -20.28 16.60
N GLN A 199 -16.05 -20.20 16.49
CA GLN A 199 -15.29 -21.12 15.63
C GLN A 199 -14.20 -21.81 16.42
N ASP A 200 -14.02 -23.10 16.17
CA ASP A 200 -13.03 -23.90 16.89
C ASP A 200 -11.68 -23.71 16.24
N VAL A 201 -10.78 -23.04 16.94
CA VAL A 201 -9.45 -22.77 16.40
C VAL A 201 -8.55 -24.01 16.38
N GLU A 202 -8.96 -25.08 17.08
CA GLU A 202 -8.26 -26.37 17.02
C GLU A 202 -8.37 -26.95 15.62
N LEU A 203 -9.48 -26.64 14.96
CA LEU A 203 -9.82 -27.18 13.64
C LEU A 203 -9.24 -26.36 12.49
N LEU A 204 -8.67 -25.21 12.80
CA LEU A 204 -8.16 -24.27 11.79
C LEU A 204 -7.34 -24.90 10.66
N VAL A 205 -6.37 -25.74 11.02
CA VAL A 205 -5.43 -26.29 10.05
C VAL A 205 -6.06 -27.27 9.03
N VAL A 206 -7.18 -27.90 9.38
CA VAL A 206 -7.83 -28.82 8.45
C VAL A 206 -9.10 -28.27 7.80
N LYS A 207 -9.72 -27.29 8.44
CA LYS A 207 -10.92 -26.65 7.90
C LYS A 207 -10.62 -25.82 6.65
N TYR A 208 -9.34 -25.70 6.31
CA TYR A 208 -8.91 -25.01 5.10
C TYR A 208 -8.38 -25.99 4.07
N LEU A 210 -6.69 -25.33 1.25
CA LEU A 210 -6.51 -24.32 0.20
C LEU A 210 -5.22 -24.54 -0.58
N ASP A 211 -5.35 -24.63 -1.90
CA ASP A 211 -4.25 -25.09 -2.73
C ASP A 211 -4.11 -24.35 -4.06
N ASN A 212 -4.53 -23.09 -4.12
CA ASN A 212 -4.16 -22.29 -5.29
C ASN A 212 -3.33 -21.10 -4.87
N GLU A 213 -2.02 -21.32 -4.77
CA GLU A 213 -1.10 -20.27 -4.38
C GLU A 213 -1.07 -19.18 -5.43
N HIS A 214 -1.63 -19.45 -6.60
CA HIS A 214 -1.61 -18.49 -7.69
C HIS A 214 -2.86 -17.66 -7.84
N GLU A 215 -3.88 -17.99 -7.05
CA GLU A 215 -5.06 -17.13 -6.92
C GLU A 215 -4.65 -15.76 -6.36
N TYR A 216 -5.39 -14.72 -6.69
CA TYR A 216 -5.08 -13.38 -6.18
C TYR A 216 -5.52 -13.22 -4.73
N ALA A 217 -4.64 -12.68 -3.89
CA ALA A 217 -4.97 -12.39 -2.50
C ALA A 217 -5.60 -11.00 -2.37
N TYR A 218 -5.09 -10.04 -3.14
CA TYR A 218 -5.69 -8.70 -3.14
C TYR A 218 -5.41 -8.00 -4.44
N ILE A 219 -6.22 -7.00 -4.77
CA ILE A 219 -5.96 -6.20 -5.96
C ILE A 219 -5.87 -4.73 -5.61
N MET A 220 -4.74 -4.11 -5.95
CA MET A 220 -4.52 -2.71 -5.68
C MET A 220 -4.75 -1.92 -6.95
N GLN A 221 -4.86 -0.61 -6.81
CA GLN A 221 -4.81 0.23 -7.98
C GLN A 221 -3.88 1.42 -7.80
N THR A 222 -3.34 1.87 -8.92
CA THR A 222 -2.41 2.96 -8.89
C THR A 222 -2.70 3.88 -10.06
N SER A 223 -2.10 5.06 -10.00
CA SER A 223 -2.28 6.11 -10.99
C SER A 223 -1.86 5.68 -12.39
N GLY A 224 -2.74 5.91 -13.38
CA GLY A 224 -2.38 5.71 -14.78
C GLY A 224 -2.31 7.04 -15.51
N SER A 225 -1.35 7.19 -16.42
CA SER A 225 -1.15 8.45 -17.15
C SER A 225 -2.39 9.07 -17.82
N THR A 226 -3.33 8.24 -18.24
CA THR A 226 -4.51 8.76 -18.94
C THR A 226 -5.65 8.99 -17.98
N GLY A 227 -5.47 8.65 -16.72
CA GLY A 227 -6.54 8.79 -15.76
C GLY A 227 -7.26 7.46 -15.56
N LYS A 228 -6.96 6.50 -16.42
CA LYS A 228 -7.43 5.14 -16.19
C LYS A 228 -6.46 4.44 -15.24
N PRO A 229 -6.97 4.00 -14.09
CA PRO A 229 -6.09 3.37 -13.10
C PRO A 229 -5.47 2.07 -13.63
N LYS A 230 -4.22 1.83 -13.26
CA LYS A 230 -3.60 0.54 -13.49
C LYS A 230 -4.00 -0.30 -12.30
N ARG A 231 -4.27 -1.58 -12.53
CA ARG A 231 -4.56 -2.48 -11.43
C ARG A 231 -3.54 -3.60 -11.29
N ILE A 232 -3.23 -3.91 -10.04
CA ILE A 232 -2.16 -4.82 -9.74
C ILE A 232 -2.71 -5.90 -8.83
N ALA A 233 -2.79 -7.11 -9.37
CA ALA A 233 -3.31 -8.24 -8.61
C ALA A 233 -2.13 -9.03 -8.06
N VAL A 234 -2.08 -9.16 -6.73
CA VAL A 234 -0.98 -9.80 -6.03
C VAL A 234 -1.44 -11.20 -5.58
N SER A 235 -0.68 -12.22 -5.93
CA SER A 235 -1.10 -13.61 -5.66
C SER A 235 -0.78 -14.02 -4.23
N TYR A 236 -1.35 -15.14 -3.79
CA TYR A 236 -0.97 -15.67 -2.50
C TYR A 236 0.51 -16.00 -2.42
N SER A 237 1.09 -16.56 -3.48
CA SER A 237 2.53 -16.88 -3.41
C SER A 237 3.38 -15.60 -3.40
N ASN A 238 2.98 -14.56 -4.13
CA ASN A 238 3.65 -13.26 -4.00
C ASN A 238 3.67 -12.82 -2.54
N LEU A 239 2.50 -12.82 -1.93
CA LEU A 239 2.34 -12.31 -0.56
C LEU A 239 3.07 -13.18 0.46
N HIS A 240 2.99 -14.50 0.26
CA HIS A 240 3.61 -15.45 1.20
C HIS A 240 5.11 -15.33 1.15
N CYS A 241 5.66 -15.13 -0.05
CA CYS A 241 7.09 -14.90 -0.16
C CYS A 241 7.52 -13.66 0.65
N TYR A 242 6.83 -12.52 0.46
CA TYR A 242 7.21 -11.31 1.19
C TYR A 242 7.14 -11.48 2.69
N ILE A 243 5.99 -11.92 3.19
CA ILE A 243 5.82 -12.11 4.62
C ILE A 243 6.88 -13.04 5.23
N SER A 244 7.17 -14.15 4.56
CA SER A 244 8.18 -15.09 5.07
C SER A 244 9.57 -14.44 5.13
N GLN A 245 9.92 -13.59 4.16
CA GLN A 245 11.21 -12.90 4.19
C GLN A 245 11.29 -11.99 5.41
N ILE A 246 10.26 -11.19 5.61
CA ILE A 246 10.29 -10.20 6.70
C ILE A 246 10.23 -10.88 8.07
N ASP A 247 9.44 -11.95 8.17
CA ASP A 247 9.34 -12.68 9.42
C ASP A 247 10.67 -13.34 9.84
N LYS A 248 11.46 -13.80 8.87
CA LYS A 248 12.71 -14.45 9.22
C LYS A 248 13.86 -13.47 9.47
N LEU A 249 13.91 -12.36 8.74
CA LEU A 249 14.88 -11.30 9.04
C LEU A 249 14.58 -10.52 10.31
N PHE A 250 13.30 -10.23 10.55
CA PHE A 250 12.91 -9.42 11.71
C PHE A 250 11.74 -10.05 12.44
N PRO A 251 11.98 -11.18 13.12
CA PRO A 251 10.88 -11.90 13.79
C PRO A 251 10.29 -11.12 14.95
N LEU A 252 8.97 -11.17 15.09
CA LEU A 252 8.31 -10.55 16.22
C LEU A 252 7.87 -11.63 17.19
N ASN A 253 7.40 -11.24 18.35
CA ASN A 253 6.77 -12.18 19.26
C ASN A 253 5.37 -11.66 19.61
N ALA A 254 4.58 -12.49 20.29
CA ALA A 254 3.21 -12.15 20.64
C ALA A 254 3.08 -10.93 21.57
N GLN A 255 4.18 -10.45 22.12
CA GLN A 255 4.10 -9.29 23.01
C GLN A 255 4.26 -8.00 22.22
N ASP A 256 4.55 -8.12 20.93
CA ASP A 256 4.77 -6.94 20.10
C ASP A 256 3.45 -6.22 19.79
N ARG A 257 3.53 -4.90 19.61
CA ARG A 257 2.39 -4.07 19.24
C ARG A 257 2.71 -3.38 17.94
N VAL A 258 1.95 -3.68 16.91
CA VAL A 258 2.26 -3.24 15.57
C VAL A 258 1.36 -2.11 15.12
N GLY A 259 1.96 -1.01 14.70
CA GLY A 259 1.18 0.11 14.19
C GLY A 259 0.54 -0.26 12.86
N GLN A 260 -0.65 0.27 12.62
CA GLN A 260 -1.28 0.19 11.30
C GLN A 260 -1.56 1.62 10.83
N TYR A 261 -0.54 2.28 10.29
CA TYR A 261 -0.65 3.67 9.88
C TYR A 261 -1.22 3.88 8.45
N SER A 262 -0.70 3.15 7.46
CA SER A 262 -1.05 3.40 6.06
C SER A 262 -2.51 3.07 5.72
N ASP A 263 -3.07 3.78 4.73
CA ASP A 263 -4.39 3.45 4.19
C ASP A 263 -4.38 2.03 3.63
N LEU A 264 -5.54 1.36 3.70
CA LEU A 264 -5.70 -0.01 3.21
C LEU A 264 -5.49 -0.13 1.70
N THR A 265 -5.62 0.98 0.97
CA THR A 265 -5.35 0.99 -0.47
C THR A 265 -3.85 1.02 -0.78
N PHE A 266 -3.01 1.20 0.24
CA PHE A 266 -1.55 1.27 0.07
C PHE A 266 -1.00 -0.05 0.60
N ASP A 267 -0.10 -0.70 -0.15
CA ASP A 267 0.31 -2.05 0.25
C ASP A 267 1.13 -2.14 1.55
N LEU A 268 1.61 -1.01 2.07
CA LEU A 268 2.22 -1.01 3.40
C LEU A 268 1.25 -1.53 4.46
N SER A 269 -0.05 -1.37 4.24
CA SER A 269 -1.02 -1.83 5.21
C SER A 269 -1.07 -3.35 5.20
N VAL A 270 -0.81 -3.94 4.04
CA VAL A 270 -0.76 -5.39 3.92
C VAL A 270 0.38 -5.95 4.76
N HIS A 271 1.51 -5.28 4.72
CA HIS A 271 2.63 -5.64 5.60
C HIS A 271 2.18 -5.59 7.07
N ASP A 272 1.65 -4.44 7.51
CA ASP A 272 1.24 -4.27 8.91
C ASP A 272 0.36 -5.44 9.37
N ILE A 273 -0.67 -5.72 8.57
CA ILE A 273 -1.69 -6.69 8.93
C ILE A 273 -1.16 -8.12 9.03
N PHE A 274 -0.39 -8.56 8.04
CA PHE A 274 0.03 -9.96 8.03
C PHE A 274 1.30 -10.23 8.83
N TYR A 275 2.13 -9.19 8.97
CA TYR A 275 3.27 -9.23 9.88
C TYR A 275 2.77 -9.43 11.30
N SER A 276 1.75 -8.68 11.68
CA SER A 276 1.19 -8.84 13.02
C SER A 276 0.58 -10.23 13.18
N LEU A 277 -0.15 -10.66 12.16
CA LEU A 277 -0.92 -11.90 12.24
C LEU A 277 0.00 -13.12 12.39
N ILE A 278 1.06 -13.19 11.59
CA ILE A 278 1.94 -14.34 11.62
C ILE A 278 2.69 -14.41 12.94
N SER A 279 2.76 -13.27 13.63
CA SER A 279 3.51 -13.18 14.88
C SER A 279 2.64 -13.37 16.10
N GLY A 280 1.32 -13.37 15.92
CA GLY A 280 0.40 -13.41 17.06
C GLY A 280 0.41 -12.10 17.85
N ALA A 281 0.91 -11.03 17.22
CA ALA A 281 1.03 -9.73 17.87
C ALA A 281 -0.29 -8.97 17.85
N CYS A 282 -0.31 -7.76 18.43
CA CYS A 282 -1.52 -6.93 18.39
C CYS A 282 -1.33 -5.78 17.42
N LEU A 283 -2.30 -5.65 16.50
CA LEU A 283 -2.28 -4.60 15.49
C LEU A 283 -3.04 -3.39 16.05
N TYR A 284 -2.41 -2.21 16.00
CA TYR A 284 -3.08 -1.00 16.47
C TYR A 284 -3.43 -0.09 15.29
N VAL A 285 -4.72 0.05 15.02
CA VAL A 285 -5.16 0.89 13.91
C VAL A 285 -5.07 2.37 14.24
N VAL A 286 -4.31 3.12 13.46
CA VAL A 286 -4.17 4.56 13.69
C VAL A 286 -5.42 5.28 13.23
N PRO A 287 -6.16 5.90 14.16
CA PRO A 287 -7.37 6.65 13.82
C PRO A 287 -7.04 7.75 12.82
N GLU A 288 -7.95 8.04 11.91
CA GLU A 288 -7.76 9.11 10.91
C GLU A 288 -7.20 10.38 11.55
N LEU A 289 -7.86 10.85 12.60
CA LEU A 289 -7.45 12.09 13.31
C LEU A 289 -6.17 11.98 14.16
N ALA A 290 -5.42 10.89 14.02
CA ALA A 290 -4.14 10.72 14.73
C ALA A 290 -2.98 10.52 13.78
N LYS A 291 -3.27 10.39 12.48
CA LYS A 291 -2.23 10.22 11.49
C LYS A 291 -1.29 11.41 11.49
N LEU A 292 -1.80 12.55 11.95
CA LEU A 292 -1.00 13.76 12.01
C LEU A 292 -0.22 13.90 13.32
N SER A 293 -0.42 12.96 14.24
CA SER A 293 0.45 12.90 15.42
C SER A 293 1.00 11.49 15.66
N PRO A 294 1.91 11.04 14.78
CA PRO A 294 2.35 9.65 14.84
C PRO A 294 3.20 9.32 16.07
N ALA A 295 4.12 10.21 16.43
CA ALA A 295 4.96 9.97 17.60
C ALA A 295 4.13 9.89 18.89
N GLU A 296 3.17 10.80 19.04
CA GLU A 296 2.27 10.71 20.18
C GLU A 296 1.47 9.41 20.19
N PHE A 297 1.03 8.95 19.02
CA PHE A 297 0.30 7.68 18.96
C PHE A 297 1.21 6.54 19.41
N ILE A 298 2.44 6.51 18.91
CA ILE A 298 3.38 5.44 19.26
C ILE A 298 3.60 5.41 20.77
N HIS A 299 3.93 6.56 21.34
CA HIS A 299 4.15 6.66 22.77
C HIS A 299 2.89 6.31 23.59
N HIS A 300 1.74 6.86 23.21
CA HIS A 300 0.47 6.59 23.89
C HIS A 300 0.16 5.10 24.00
N HIS A 301 0.41 4.36 22.93
CA HIS A 301 0.11 2.93 22.95
C HIS A 301 1.33 2.06 23.13
N GLN A 302 2.50 2.65 23.36
CA GLN A 302 3.72 1.88 23.53
C GLN A 302 3.92 0.91 22.36
N LEU A 303 3.80 1.39 21.14
CA LEU A 303 4.03 0.55 19.97
C LEU A 303 5.47 0.07 19.93
N THR A 304 5.67 -1.18 19.53
CA THR A 304 7.01 -1.73 19.47
C THR A 304 7.48 -1.85 18.03
N VAL A 305 6.53 -1.81 17.08
CA VAL A 305 6.84 -1.97 15.66
C VAL A 305 6.09 -0.92 14.82
N TRP A 306 6.80 -0.27 13.89
CA TRP A 306 6.23 0.81 13.08
C TRP A 306 6.66 0.71 11.61
N LEU A 307 5.72 0.96 10.70
CA LEU A 307 6.02 1.08 9.27
C LEU A 307 5.21 2.21 8.67
N SER A 308 5.89 3.13 7.98
CA SER A 308 5.20 4.19 7.25
C SER A 308 6.14 4.81 6.23
N VAL A 309 5.64 5.74 5.43
CA VAL A 309 6.50 6.57 4.59
C VAL A 309 7.34 7.43 5.53
N PRO A 310 8.52 7.88 5.08
CA PRO A 310 9.40 8.64 5.97
C PRO A 310 8.94 10.10 6.21
N THR A 311 7.90 10.54 5.52
CA THR A 311 7.28 11.84 5.78
C THR A 311 6.90 11.92 7.24
N VAL A 312 6.52 10.79 7.81
CA VAL A 312 6.12 10.74 9.20
C VAL A 312 7.19 11.32 10.14
N ILE A 313 8.46 11.12 9.80
CA ILE A 313 9.56 11.62 10.61
C ILE A 313 9.61 13.13 10.57
N GLU A 314 9.42 13.70 9.39
CA GLU A 314 9.45 15.16 9.24
C GLU A 314 8.34 15.79 10.03
N LEU A 315 7.15 15.19 9.92
CA LEU A 315 5.99 15.65 10.66
C LEU A 315 6.21 15.61 12.17
N ALA A 316 6.79 14.51 12.66
CA ALA A 316 7.05 14.39 14.08
C ALA A 316 8.02 15.48 14.55
N LEU A 317 8.98 15.83 13.68
CA LEU A 317 9.94 16.90 13.98
C LEU A 317 9.30 18.28 13.98
N GLN A 318 8.36 18.49 13.06
CA GLN A 318 7.65 19.77 12.98
C GLN A 318 6.84 20.02 14.24
N ARG A 319 6.30 18.97 14.82
CA ARG A 319 5.50 19.08 16.05
C ARG A 319 6.34 19.05 17.32
N GLN A 320 7.66 19.05 17.16
CA GLN A 320 8.58 19.02 18.30
C GLN A 320 8.32 17.84 19.24
N THR A 321 8.18 16.63 18.67
CA THR A 321 7.87 15.44 19.45
C THR A 321 8.97 14.38 19.39
N LEU A 322 10.01 14.67 18.65
CA LEU A 322 11.04 13.67 18.41
C LEU A 322 12.30 13.96 19.22
N THR A 323 12.17 14.07 20.53
CA THR A 323 13.35 14.31 21.35
C THR A 323 14.06 12.98 21.60
N PRO A 324 15.37 13.03 21.83
CA PRO A 324 16.10 11.79 22.11
C PRO A 324 15.50 10.99 23.26
N HIS A 325 15.48 9.68 23.11
CA HIS A 325 14.95 8.75 24.10
C HIS A 325 13.44 8.84 24.33
N SER A 326 12.75 9.68 23.55
CA SER A 326 11.31 9.89 23.74
C SER A 326 10.43 8.73 23.26
N LEU A 327 11.00 7.78 22.52
CA LEU A 327 10.23 6.63 22.04
C LEU A 327 10.88 5.30 22.38
N PRO A 328 11.04 5.01 23.70
CA PRO A 328 11.75 3.79 24.11
C PRO A 328 11.06 2.50 23.72
N SER A 329 9.75 2.49 23.51
CA SER A 329 9.07 1.22 23.23
C SER A 329 9.29 0.71 21.78
N LEU A 330 9.73 1.59 20.89
CA LEU A 330 9.72 1.29 19.44
C LEU A 330 10.98 0.56 18.99
N ARG A 331 10.95 -0.77 19.01
CA ARG A 331 12.19 -1.53 18.79
C ARG A 331 12.48 -1.79 17.32
N LEU A 332 11.47 -1.67 16.47
CA LEU A 332 11.67 -1.81 15.04
C LEU A 332 10.90 -0.73 14.25
N SER A 333 11.65 0.10 13.54
CA SER A 333 11.09 1.18 12.74
C SER A 333 11.39 0.91 11.28
N PHE A 334 10.34 0.72 10.48
CA PHE A 334 10.55 0.54 9.05
C PHE A 334 10.03 1.76 8.30
N PHE A 335 10.75 2.17 7.26
CA PHE A 335 10.27 3.23 6.38
C PHE A 335 10.34 2.79 4.92
N CYS A 336 9.29 3.09 4.16
CA CYS A 336 9.24 2.68 2.77
C CYS A 336 8.53 3.73 1.97
N GLY A 337 8.87 3.86 0.70
CA GLY A 337 8.07 4.66 -0.21
C GLY A 337 8.73 5.87 -0.82
N GLN A 338 9.67 6.47 -0.09
CA GLN A 338 10.39 7.66 -0.55
C GLN A 338 11.82 7.59 -0.05
N ALA A 339 12.70 8.36 -0.67
CA ALA A 339 14.10 8.44 -0.26
C ALA A 339 14.21 8.77 1.23
N LEU A 340 14.92 7.91 1.96
CA LEU A 340 15.12 8.12 3.39
C LEU A 340 16.41 8.93 3.56
N LEU A 341 16.30 10.13 4.12
CA LEU A 341 17.49 10.94 4.31
C LEU A 341 18.22 10.57 5.59
N HIS A 342 19.55 10.59 5.54
CA HIS A 342 20.36 10.17 6.66
C HIS A 342 19.99 10.93 7.91
N ASP A 343 19.87 12.25 7.78
CA ASP A 343 19.55 13.13 8.91
C ASP A 343 18.17 12.85 9.51
N LEU A 344 17.22 12.46 8.68
CA LEU A 344 15.91 12.06 9.19
C LEU A 344 16.00 10.75 9.94
N ALA A 345 16.67 9.77 9.35
CA ALA A 345 16.75 8.48 9.98
C ALA A 345 17.50 8.62 11.31
N GLU A 346 18.50 9.51 11.34
CA GLU A 346 19.27 9.73 12.56
C GLU A 346 18.40 10.30 13.68
N GLN A 347 17.58 11.30 13.36
CA GLN A 347 16.71 11.89 14.37
C GLN A 347 15.66 10.91 14.88
N TRP A 348 15.18 10.02 14.02
CA TRP A 348 14.19 9.06 14.46
C TRP A 348 14.89 8.03 15.35
N GLN A 349 16.09 7.62 14.95
CA GLN A 349 16.83 6.61 15.73
C GLN A 349 17.26 7.13 17.12
N GLN A 350 17.55 8.42 17.23
CA GLN A 350 17.87 9.01 18.53
C GLN A 350 16.67 8.94 19.47
N ALA A 351 15.47 9.06 18.91
CA ALA A 351 14.26 8.96 19.74
C ALA A 351 14.02 7.53 20.20
N THR A 352 14.26 6.56 19.33
CA THR A 352 13.97 5.17 19.71
C THR A 352 15.18 4.49 20.34
N GLN A 353 16.39 4.96 19.98
CA GLN A 353 17.65 4.31 20.31
C GLN A 353 17.67 2.87 19.80
N GLN A 354 16.85 2.59 18.80
CA GLN A 354 16.70 1.21 18.33
C GLN A 354 16.73 1.10 16.79
N PRO A 355 16.82 -0.13 16.24
CA PRO A 355 17.01 -0.27 14.79
C PRO A 355 15.99 0.46 13.89
N VAL A 356 16.50 1.03 12.80
CA VAL A 356 15.68 1.68 11.79
C VAL A 356 16.00 0.98 10.47
N ILE A 357 14.98 0.58 9.72
CA ILE A 357 15.18 -0.22 8.52
C ILE A 357 14.60 0.49 7.31
N ASN A 358 15.42 0.71 6.27
CA ASN A 358 14.93 1.30 5.02
C ASN A 358 14.41 0.16 4.16
N LEU A 359 13.16 0.26 3.69
CA LEU A 359 12.62 -0.78 2.81
C LEU A 359 12.32 -0.16 1.46
N TYR A 360 12.61 -0.88 0.37
CA TYR A 360 12.31 -0.40 -0.97
C TYR A 360 11.54 -1.43 -1.79
N GLY A 361 10.60 -0.94 -2.60
CA GLY A 361 9.93 -1.76 -3.59
C GLY A 361 8.65 -1.11 -4.07
N PRO A 362 8.22 -1.47 -5.29
CA PRO A 362 6.96 -0.98 -5.85
C PRO A 362 5.84 -1.97 -5.59
N THR A 363 4.60 -1.50 -5.69
CA THR A 363 3.44 -2.35 -5.49
C THR A 363 3.50 -3.54 -6.43
N GLU A 364 4.06 -3.32 -7.62
CA GLU A 364 4.16 -4.36 -8.65
C GLU A 364 5.01 -5.57 -8.20
N CYS A 365 5.83 -5.37 -7.17
CA CYS A 365 6.67 -6.46 -6.68
C CYS A 365 6.40 -6.77 -5.21
N THR A 366 5.13 -6.63 -4.80
CA THR A 366 4.66 -7.02 -3.47
C THR A 366 5.41 -6.32 -2.33
N ILE A 367 5.03 -5.06 -2.10
CA ILE A 367 5.42 -4.27 -0.92
C ILE A 367 6.87 -3.75 -0.92
N ALA A 368 7.82 -4.60 -0.54
CA ALA A 368 9.23 -4.21 -0.59
C ALA A 368 10.05 -5.37 -1.09
N VAL A 369 11.13 -5.08 -1.81
CA VAL A 369 11.97 -6.15 -2.35
C VAL A 369 13.42 -6.05 -1.85
N THR A 370 13.82 -4.88 -1.37
CA THR A 370 15.10 -4.76 -0.71
C THR A 370 14.96 -4.07 0.63
N TYR A 371 16.02 -4.14 1.42
CA TYR A 371 16.05 -3.55 2.75
C TYR A 371 17.48 -3.18 3.10
N HIS A 372 17.63 -2.25 4.02
CA HIS A 372 18.93 -1.86 4.50
C HIS A 372 18.83 -1.35 5.93
N ARG A 373 19.59 -1.95 6.86
CA ARG A 373 19.62 -1.41 8.23
C ARG A 373 20.38 -0.09 8.25
N PHE A 374 19.72 0.95 8.76
CA PHE A 374 20.35 2.25 8.87
C PHE A 374 21.59 2.15 9.76
N VAL A 375 22.71 2.65 9.23
CA VAL A 375 23.99 2.71 9.93
C VAL A 375 24.30 4.17 10.23
N ALA A 376 24.24 4.56 11.50
CA ALA A 376 24.53 5.94 11.89
C ALA A 376 25.92 6.42 11.44
N HIS A 377 26.88 5.49 11.38
CA HIS A 377 28.26 5.83 11.06
C HIS A 377 28.64 5.52 9.61
N SER A 378 27.79 5.94 8.67
CA SER A 378 28.04 5.65 7.26
C SER A 378 28.67 6.87 6.60
N GLY A 379 28.40 8.03 7.18
CA GLY A 379 28.84 9.29 6.60
C GLY A 379 28.33 9.51 5.18
N MET A 380 27.09 9.11 4.91
CA MET A 380 26.46 9.35 3.60
C MET A 380 25.27 10.30 3.77
N ALA A 381 24.83 10.93 2.68
CA ALA A 381 23.70 11.87 2.78
C ALA A 381 22.32 11.20 2.76
N SER A 382 22.26 10.01 2.17
CA SER A 382 20.99 9.26 2.12
C SER A 382 21.23 7.84 2.61
N VAL A 383 20.15 7.18 3.00
CA VAL A 383 20.22 5.79 3.40
C VAL A 383 20.04 4.93 2.16
N PRO A 384 20.97 3.99 1.92
CA PRO A 384 20.86 3.05 0.80
C PRO A 384 19.54 2.27 0.86
N ILE A 385 19.03 1.82 -0.28
CA ILE A 385 17.87 0.91 -0.26
C ILE A 385 18.34 -0.53 -0.05
N GLY A 386 19.65 -0.75 -0.18
CA GLY A 386 20.25 -1.97 0.34
C GLY A 386 20.39 -3.10 -0.65
N ARG A 387 19.96 -4.28 -0.23
CA ARG A 387 20.00 -5.44 -1.10
C ARG A 387 18.74 -6.27 -0.94
N ALA A 388 18.53 -7.19 -1.87
CA ALA A 388 17.30 -7.96 -1.94
C ALA A 388 17.21 -8.99 -0.84
N PHE A 389 15.98 -9.34 -0.47
CA PHE A 389 15.76 -10.44 0.45
C PHE A 389 16.30 -11.74 -0.14
N GLU A 390 16.13 -11.92 -1.44
CA GLU A 390 16.55 -13.14 -2.13
C GLU A 390 17.55 -12.81 -3.21
N GLU A 391 18.63 -13.59 -3.30
CA GLU A 391 19.60 -13.33 -4.35
C GLU A 391 18.99 -13.73 -5.69
N GLU A 392 19.56 -13.23 -6.78
CA GLU A 392 19.08 -13.44 -8.15
C GLU A 392 17.80 -12.71 -8.51
N CYS A 393 17.42 -11.71 -7.72
CA CYS A 393 16.18 -10.96 -7.94
C CYS A 393 16.36 -9.61 -8.63
N LEU A 394 17.57 -9.09 -8.60
CA LEU A 394 17.80 -7.73 -9.05
C LEU A 394 18.76 -7.69 -10.23
N ALA A 395 18.49 -6.80 -11.18
CA ALA A 395 19.45 -6.47 -12.22
C ALA A 395 19.39 -4.98 -12.49
N ILE A 396 20.45 -4.46 -13.11
CA ILE A 396 20.56 -3.04 -13.44
C ILE A 396 20.84 -2.95 -14.93
N ILE A 397 20.11 -2.09 -15.63
CA ILE A 397 20.38 -1.90 -17.05
C ILE A 397 20.87 -0.47 -17.28
N ASN A 398 22.06 -0.32 -17.85
CA ASN A 398 22.64 1.02 -18.02
C ASN A 398 22.18 1.69 -19.29
N GLU A 399 22.69 2.91 -19.52
CA GLU A 399 22.26 3.72 -20.66
C GLU A 399 22.58 3.07 -21.99
N GLN A 400 23.59 2.20 -22.00
CA GLN A 400 23.93 1.45 -23.20
C GLN A 400 22.95 0.31 -23.47
N GLY A 401 22.17 -0.07 -22.46
CA GLY A 401 21.24 -1.16 -22.61
C GLY A 401 21.82 -2.50 -22.23
N GLU A 402 22.91 -2.49 -21.49
CA GLU A 402 23.49 -3.74 -20.98
C GLU A 402 22.80 -4.17 -19.69
N LEU A 403 22.16 -5.34 -19.73
CA LEU A 403 21.53 -5.91 -18.54
C LEU A 403 22.60 -6.62 -17.71
N MET A 404 22.61 -6.32 -16.41
CA MET A 404 23.64 -6.86 -15.53
C MET A 404 23.00 -7.36 -14.21
N ARG A 405 23.13 -8.65 -13.93
CA ARG A 405 22.63 -9.19 -12.65
C ARG A 405 23.35 -8.48 -11.51
N PHE A 406 22.67 -8.28 -10.39
CA PHE A 406 23.23 -7.51 -9.28
C PHE A 406 24.51 -8.12 -8.71
N GLU A 407 24.55 -9.46 -8.66
CA GLU A 407 25.69 -10.21 -8.13
C GLU A 407 26.94 -10.06 -8.99
N SER A 408 26.76 -9.69 -10.26
CA SER A 408 27.87 -9.53 -11.22
C SER A 408 28.25 -8.07 -11.42
N ALA A 409 27.39 -7.15 -11.02
CA ALA A 409 27.65 -5.73 -11.29
C ALA A 409 28.80 -5.22 -10.45
N PRO A 410 29.69 -4.43 -11.08
CA PRO A 410 30.89 -3.90 -10.40
C PRO A 410 30.58 -2.65 -9.61
N GLU A 411 31.48 -2.26 -8.72
CA GLU A 411 31.36 -1.03 -7.95
C GLU A 411 31.04 0.13 -8.88
N GLY A 412 30.12 0.99 -8.45
CA GLY A 412 29.74 2.19 -9.20
C GLY A 412 28.77 2.01 -10.35
N TYR A 413 28.43 0.76 -10.67
CA TYR A 413 27.51 0.49 -11.79
C TYR A 413 26.18 1.23 -11.58
N ARG A 414 25.64 1.77 -12.67
CA ARG A 414 24.56 2.74 -12.59
C ARG A 414 23.52 2.46 -13.67
N GLY A 415 22.26 2.65 -13.34
CA GLY A 415 21.19 2.47 -14.32
C GLY A 415 19.83 2.17 -13.70
N GLU A 416 18.91 1.69 -14.53
CA GLU A 416 17.57 1.39 -14.06
C GLU A 416 17.51 0.03 -13.39
N LEU A 417 16.85 -0.02 -12.23
CA LEU A 417 16.70 -1.26 -11.47
C LEU A 417 15.62 -2.15 -12.08
N LEU A 418 15.92 -3.44 -12.26
CA LEU A 418 14.97 -4.39 -12.77
C LEU A 418 14.66 -5.40 -11.67
N LEU A 419 13.40 -5.81 -11.57
CA LEU A 419 12.98 -6.71 -10.51
C LEU A 419 12.49 -8.02 -11.09
N SER A 420 12.70 -9.11 -10.37
CA SER A 420 12.14 -10.40 -10.76
C SER A 420 11.98 -11.26 -9.52
N GLY A 421 11.43 -12.46 -9.68
CA GLY A 421 11.36 -13.38 -8.57
C GLY A 421 9.94 -13.66 -8.15
N LYS A 422 9.81 -14.32 -7.00
CA LYS A 422 8.52 -14.77 -6.49
C LYS A 422 7.56 -13.66 -6.05
N GLN A 423 8.08 -12.46 -5.79
CA GLN A 423 7.20 -11.35 -5.39
C GLN A 423 6.66 -10.53 -6.56
N LEU A 424 7.18 -10.78 -7.75
CA LEU A 424 6.76 -10.02 -8.92
C LEU A 424 5.38 -10.50 -9.40
N VAL A 425 4.47 -9.55 -9.67
CA VAL A 425 3.15 -9.89 -10.23
C VAL A 425 3.28 -10.27 -11.72
N LYS A 426 2.25 -10.88 -12.29
CA LYS A 426 2.28 -11.33 -13.68
C LYS A 426 2.34 -10.19 -14.68
N GLY A 427 1.83 -9.03 -14.26
CA GLY A 427 1.66 -7.90 -15.16
C GLY A 427 0.50 -7.10 -14.60
N TYR A 428 0.00 -6.14 -15.35
CA TYR A 428 -1.15 -5.38 -14.91
C TYR A 428 -2.43 -6.13 -15.31
N LEU A 429 -3.46 -6.02 -14.49
CA LEU A 429 -4.72 -6.71 -14.74
C LEU A 429 -5.41 -6.16 -15.99
N ASN A 430 -5.70 -7.04 -16.94
CA ASN A 430 -6.39 -6.70 -18.19
C ASN A 430 -5.87 -5.44 -18.90
N ASP A 431 -4.55 -5.30 -18.97
CA ASP A 431 -3.93 -4.12 -19.56
C ASP A 431 -2.64 -4.55 -20.26
N PRO A 432 -2.78 -5.21 -21.41
CA PRO A 432 -1.63 -5.82 -22.11
C PRO A 432 -0.65 -4.78 -22.60
N LEU A 433 -1.13 -3.60 -22.97
CA LEU A 433 -0.22 -2.54 -23.39
C LEU A 433 0.75 -2.11 -22.28
N ASN A 434 0.23 -1.74 -21.10
CA ASN A 434 1.12 -1.41 -19.99
C ASN A 434 1.98 -2.60 -19.53
N THR A 435 1.42 -3.80 -19.60
CA THR A 435 2.17 -5.01 -19.26
C THR A 435 3.36 -5.20 -20.19
N GLN A 436 3.11 -5.06 -21.49
CA GLN A 436 4.15 -5.21 -22.52
C GLN A 436 5.28 -4.21 -22.35
N SER A 437 4.95 -2.99 -21.96
CA SER A 437 5.98 -1.97 -21.83
C SER A 437 6.80 -2.07 -20.54
N ALA A 438 6.22 -2.67 -19.49
CA ALA A 438 6.92 -2.70 -18.21
C ALA A 438 7.53 -4.07 -17.88
N PHE A 439 6.95 -5.12 -18.43
CA PHE A 439 7.38 -6.48 -18.15
C PHE A 439 7.98 -7.09 -19.42
N PHE A 440 9.04 -7.87 -19.28
CA PHE A 440 9.65 -8.54 -20.43
C PHE A 440 10.39 -9.80 -20.01
N GLN A 441 10.55 -10.72 -20.95
CA GLN A 441 11.26 -11.97 -20.69
C GLN A 441 12.72 -11.80 -21.01
N HIS A 442 13.57 -12.51 -20.29
CA HIS A 442 14.99 -12.46 -20.57
C HIS A 442 15.65 -13.70 -20.01
N GLU A 443 16.13 -14.55 -20.90
CA GLU A 443 16.80 -15.79 -20.53
C GLU A 443 16.06 -16.54 -19.43
N GLY A 444 14.80 -16.88 -19.70
CA GLY A 444 14.05 -17.75 -18.82
C GLY A 444 13.12 -17.07 -17.82
N ARG A 445 13.53 -15.91 -17.28
CA ARG A 445 12.70 -15.27 -16.24
C ARG A 445 12.07 -13.94 -16.63
N LEU A 446 10.97 -13.63 -15.95
CA LEU A 446 10.23 -12.40 -16.19
C LEU A 446 10.89 -11.29 -15.39
N TRP A 447 11.23 -10.19 -16.06
CA TRP A 447 11.76 -9.01 -15.39
C TRP A 447 10.78 -7.85 -15.42
N TYR A 448 10.89 -6.94 -14.44
CA TYR A 448 10.05 -5.74 -14.40
C TYR A 448 10.91 -4.48 -14.37
N ARG A 449 10.59 -3.53 -15.24
CA ARG A 449 11.29 -2.25 -15.28
C ARG A 449 10.73 -1.32 -14.22
N SER A 450 11.49 -1.11 -13.15
CA SER A 450 10.99 -0.36 -12.01
C SER A 450 10.83 1.11 -12.33
N GLY A 451 11.70 1.62 -13.20
CA GLY A 451 11.70 3.04 -13.52
C GLY A 451 12.61 3.76 -12.56
N ASP A 452 13.12 3.04 -11.56
CA ASP A 452 13.99 3.65 -10.56
C ASP A 452 15.45 3.59 -11.03
N ILE A 453 16.14 4.71 -10.90
CA ILE A 453 17.55 4.81 -11.28
C ILE A 453 18.40 4.60 -10.02
N VAL A 454 19.31 3.62 -10.05
CA VAL A 454 20.12 3.30 -8.88
C VAL A 454 21.61 3.24 -9.20
N THR A 455 22.43 3.26 -8.15
CA THR A 455 23.84 2.94 -8.29
C THR A 455 24.25 1.87 -7.27
N LYS A 456 25.16 0.98 -7.66
CA LYS A 456 25.70 0.00 -6.71
C LYS A 456 26.97 0.55 -6.08
N SER A 457 26.93 0.74 -4.77
CA SER A 457 28.08 1.34 -4.09
C SER A 457 28.34 0.58 -2.79
N ASN A 458 29.58 0.15 -2.61
CA ASN A 458 30.00 -0.61 -1.43
C ASN A 458 29.08 -1.82 -1.20
N GLY A 459 28.62 -2.43 -2.28
CA GLY A 459 27.81 -3.64 -2.19
C GLY A 459 26.31 -3.44 -1.99
N VAL A 460 25.86 -2.19 -1.90
CA VAL A 460 24.42 -1.93 -1.74
C VAL A 460 23.91 -0.97 -2.81
N LEU A 461 22.60 -0.88 -2.95
CA LEU A 461 21.99 0.00 -3.93
C LEU A 461 21.68 1.35 -3.30
N ILE A 462 21.94 2.42 -4.05
CA ILE A 462 21.53 3.76 -3.63
C ILE A 462 20.50 4.25 -4.64
N HIS A 463 19.37 4.78 -4.16
CA HIS A 463 18.30 5.22 -5.06
C HIS A 463 18.60 6.64 -5.47
N LEU A 464 18.68 6.89 -6.78
CA LEU A 464 19.09 8.19 -7.31
C LEU A 464 17.93 9.05 -7.85
N GLY A 465 16.82 8.40 -8.19
CA GLY A 465 15.70 9.11 -8.79
C GLY A 465 14.99 8.22 -9.79
N ARG A 466 14.27 8.85 -10.71
CA ARG A 466 13.45 8.13 -11.68
C ARG A 466 13.63 8.70 -13.07
N ARG A 467 13.33 7.90 -14.08
CA ARG A 467 13.40 8.37 -15.46
C ARG A 467 12.06 8.95 -15.93
N ASP A 468 11.03 8.87 -15.09
CA ASP A 468 9.70 9.37 -15.47
C ASP A 468 9.16 10.44 -14.52
N HIS A 469 7.86 10.66 -14.56
CA HIS A 469 7.27 11.68 -13.70
C HIS A 469 6.31 11.09 -12.64
N GLN A 470 6.61 9.87 -12.21
CA GLN A 470 5.91 9.30 -11.07
C GLN A 470 6.55 9.89 -9.83
N VAL A 471 5.73 10.40 -8.91
CA VAL A 471 6.24 11.01 -7.69
C VAL A 471 5.34 10.61 -6.54
N LYS A 472 5.79 10.88 -5.32
CA LYS A 472 4.89 10.78 -4.18
C LYS A 472 4.45 12.20 -3.79
N ILE A 473 3.15 12.38 -3.61
CA ILE A 473 2.62 13.66 -3.13
C ILE A 473 1.97 13.35 -1.79
N ALA A 474 2.46 13.98 -0.72
CA ALA A 474 2.05 13.61 0.64
C ALA A 474 2.07 12.09 0.84
N GLY A 475 3.15 11.46 0.39
CA GLY A 475 3.30 10.02 0.62
C GLY A 475 2.53 9.07 -0.28
N GLN A 476 1.76 9.62 -1.24
CA GLN A 476 0.95 8.79 -2.13
C GLN A 476 1.48 8.81 -3.57
N ARG A 477 1.62 7.63 -4.16
CA ARG A 477 2.09 7.48 -5.54
C ARG A 477 1.13 8.12 -6.56
N VAL A 478 1.67 8.89 -7.49
CA VAL A 478 0.86 9.44 -8.57
C VAL A 478 1.70 9.75 -9.80
N GLU A 479 1.11 9.63 -10.99
CA GLU A 479 1.76 10.10 -12.21
C GLU A 479 1.42 11.58 -12.44
N LEU A 480 2.43 12.43 -12.53
CA LEU A 480 2.19 13.84 -12.80
C LEU A 480 1.41 14.00 -14.09
N GLU A 481 1.58 13.07 -15.02
CA GLU A 481 0.82 13.08 -16.28
C GLU A 481 -0.67 12.80 -16.09
N GLU A 482 -1.04 12.03 -15.07
CA GLU A 482 -2.47 11.84 -14.82
C GLU A 482 -3.10 13.18 -14.41
N ILE A 483 -2.41 13.94 -13.59
CA ILE A 483 -2.91 15.22 -13.12
C ILE A 483 -2.97 16.21 -14.30
N GLU A 484 -1.90 16.28 -15.06
CA GLU A 484 -1.85 17.12 -16.25
C GLU A 484 -2.98 16.79 -17.23
N THR A 485 -3.23 15.51 -17.43
CA THR A 485 -4.29 15.05 -18.33
C THR A 485 -5.66 15.56 -17.88
N VAL A 486 -5.91 15.47 -16.58
CA VAL A 486 -7.17 15.94 -16.01
C VAL A 486 -7.27 17.47 -16.10
N VAL A 487 -6.19 18.16 -15.75
CA VAL A 487 -6.19 19.62 -15.78
C VAL A 487 -6.36 20.15 -17.22
N ARG A 488 -5.71 19.49 -18.19
CA ARG A 488 -5.88 19.81 -19.60
C ARG A 488 -7.34 19.71 -20.05
N ARG A 489 -8.00 18.60 -19.70
CA ARG A 489 -9.41 18.40 -20.01
C ARG A 489 -10.29 19.50 -19.44
N VAL A 490 -10.09 19.79 -18.17
CA VAL A 490 -10.94 20.70 -17.41
C VAL A 490 -10.71 22.17 -17.83
N THR A 491 -9.46 22.54 -18.11
CA THR A 491 -9.18 23.90 -18.50
C THR A 491 -9.22 24.17 -20.00
N GLN A 492 -9.07 23.11 -20.80
CA GLN A 492 -8.97 23.24 -22.26
C GLN A 492 -7.76 24.09 -22.67
N ALA A 493 -6.82 24.26 -21.73
CA ALA A 493 -5.59 25.00 -22.00
C ALA A 493 -4.69 24.31 -23.04
N HIS A 494 -3.93 25.10 -23.77
CA HIS A 494 -2.99 24.57 -24.76
C HIS A 494 -1.74 24.04 -24.06
N SER A 495 -1.34 24.74 -23.01
CA SER A 495 -0.11 24.44 -22.31
C SER A 495 -0.38 24.29 -20.80
N VAL A 496 0.15 23.21 -20.20
CA VAL A 496 -0.11 22.91 -18.79
C VAL A 496 1.11 22.23 -18.18
N ALA A 497 1.52 22.67 -16.99
CA ALA A 497 2.57 21.98 -16.23
C ALA A 497 2.09 21.71 -14.79
N ILE A 498 2.36 20.51 -14.28
CA ILE A 498 2.01 20.18 -12.90
C ILE A 498 3.32 20.07 -12.12
N VAL A 499 3.43 20.80 -11.02
CA VAL A 499 4.67 20.87 -10.27
C VAL A 499 4.44 20.45 -8.83
N PRO A 500 5.28 19.51 -8.33
CA PRO A 500 5.23 19.17 -6.90
C PRO A 500 5.67 20.37 -6.09
N TRP A 501 4.82 20.81 -5.17
CA TRP A 501 5.07 22.00 -4.36
C TRP A 501 3.99 22.13 -3.29
N PRO A 502 4.36 22.53 -2.06
CA PRO A 502 5.73 22.87 -1.62
C PRO A 502 6.60 21.66 -1.29
N LEU A 503 7.89 21.90 -1.14
CA LEU A 503 8.83 20.84 -0.80
C LEU A 503 9.35 21.06 0.62
N SER A 504 9.52 19.97 1.36
CA SER A 504 10.15 20.04 2.67
C SER A 504 11.67 20.03 2.50
N GLU A 505 12.40 20.15 3.59
CA GLU A 505 13.86 20.14 3.51
C GLU A 505 14.40 18.82 2.98
N SER A 506 13.61 17.75 3.12
CA SER A 506 14.03 16.46 2.61
C SER A 506 13.65 16.28 1.14
N GLY A 507 13.01 17.29 0.57
CA GLY A 507 12.55 17.23 -0.80
C GLY A 507 11.21 16.52 -1.00
N TYR A 508 10.48 16.29 0.09
CA TYR A 508 9.17 15.64 -0.02
C TYR A 508 8.11 16.69 -0.36
N ALA A 509 7.29 16.41 -1.37
CA ALA A 509 6.21 17.29 -1.81
C ALA A 509 4.92 16.97 -1.08
N SER A 510 4.29 17.97 -0.47
CA SER A 510 3.03 17.77 0.23
C SER A 510 1.82 18.07 -0.67
N GLY A 511 2.08 18.58 -1.87
CA GLY A 511 1.01 18.98 -2.78
C GLY A 511 1.51 19.24 -4.19
N THR A 512 0.61 19.67 -5.07
CA THR A 512 0.97 20.08 -6.43
C THR A 512 0.45 21.49 -6.72
N VAL A 513 1.06 22.15 -7.70
CA VAL A 513 0.47 23.39 -8.22
C VAL A 513 0.38 23.29 -9.74
N ALA A 514 -0.57 24.02 -10.32
CA ALA A 514 -0.76 23.97 -11.77
C ALA A 514 -0.39 25.30 -12.44
N PHE A 515 0.32 25.22 -13.57
CA PHE A 515 0.54 26.35 -14.45
C PHE A 515 -0.21 26.14 -15.74
N VAL A 516 -1.02 27.12 -16.12
CA VAL A 516 -1.71 27.06 -17.41
C VAL A 516 -1.32 28.28 -18.23
N ASP A 517 -1.54 28.22 -19.54
CA ASP A 517 -1.18 29.35 -20.38
C ASP A 517 -2.11 30.53 -20.13
N THR A 518 -1.79 31.67 -20.74
CA THR A 518 -2.53 32.92 -20.53
C THR A 518 -3.68 33.11 -21.51
N HIS A 519 -3.92 32.12 -22.37
CA HIS A 519 -4.96 32.25 -23.40
C HIS A 519 -6.28 31.59 -23.03
N THR A 520 -6.29 30.87 -21.91
CA THR A 520 -7.49 30.16 -21.53
C THR A 520 -8.27 31.01 -20.55
N GLN A 521 -9.60 30.98 -20.66
CA GLN A 521 -10.43 31.82 -19.80
C GLN A 521 -10.24 31.46 -18.33
N TRP A 522 -9.86 32.43 -17.52
CA TRP A 522 -9.51 32.17 -16.13
C TRP A 522 -10.75 31.85 -15.29
N GLN A 523 -10.99 30.56 -15.03
CA GLN A 523 -12.12 30.13 -14.20
C GLN A 523 -11.67 29.11 -13.16
N PRO A 524 -10.81 29.54 -12.21
CA PRO A 524 -10.23 28.55 -11.29
C PRO A 524 -11.23 27.96 -10.29
N ASP A 525 -12.35 28.61 -10.02
CA ASP A 525 -13.38 28.01 -9.17
C ASP A 525 -13.99 26.81 -9.86
N LEU A 526 -14.34 27.00 -11.13
CA LEU A 526 -14.91 25.94 -11.93
C LEU A 526 -13.91 24.78 -12.11
N TRP A 527 -12.66 25.13 -12.41
CA TRP A 527 -11.58 24.15 -12.59
C TRP A 527 -11.41 23.27 -11.36
N LEU A 528 -11.34 23.92 -10.20
CA LEU A 528 -11.18 23.24 -8.92
C LEU A 528 -12.35 22.30 -8.69
N SER A 529 -13.55 22.78 -8.94
CA SER A 529 -14.77 21.99 -8.74
C SER A 529 -14.76 20.71 -9.57
N GLN A 530 -14.37 20.82 -10.83
CA GLN A 530 -14.30 19.65 -11.71
C GLN A 530 -13.14 18.69 -11.39
N CYS A 531 -11.96 19.23 -11.05
CA CYS A 531 -10.83 18.38 -10.70
C CYS A 531 -11.12 17.44 -9.52
N LYS A 532 -11.90 17.94 -8.55
CA LYS A 532 -12.21 17.18 -7.34
C LYS A 532 -13.06 15.94 -7.64
N GLN A 533 -13.72 15.94 -8.79
CA GLN A 533 -14.50 14.78 -9.22
C GLN A 533 -13.66 13.76 -10.00
N GLN A 534 -12.40 14.09 -10.29
CA GLN A 534 -11.61 13.22 -11.17
C GLN A 534 -10.26 12.84 -10.59
N LEU A 535 -9.90 13.47 -9.47
CA LEU A 535 -8.64 13.20 -8.79
C LEU A 535 -8.91 13.09 -7.29
N ASN A 536 -8.14 12.26 -6.62
CA ASN A 536 -8.08 12.29 -5.17
C ASN A 536 -7.62 13.67 -4.71
N PRO A 537 -8.25 14.22 -3.65
CA PRO A 537 -7.96 15.57 -3.10
C PRO A 537 -6.47 15.84 -2.92
N THR A 538 -5.72 14.80 -2.58
CA THR A 538 -4.28 14.94 -2.35
C THR A 538 -3.59 15.44 -3.61
N PHE A 539 -4.09 15.00 -4.76
CA PHE A 539 -3.46 15.29 -6.04
C PHE A 539 -4.01 16.56 -6.70
N VAL A 540 -5.15 17.05 -6.23
CA VAL A 540 -5.73 18.26 -6.82
C VAL A 540 -4.82 19.46 -6.55
N PRO A 541 -4.41 20.17 -7.61
CA PRO A 541 -3.51 21.32 -7.45
C PRO A 541 -4.12 22.35 -6.49
N LYS A 542 -3.30 22.84 -5.55
CA LYS A 542 -3.76 23.75 -4.50
C LYS A 542 -3.55 25.20 -4.92
N ARG A 543 -2.69 25.41 -5.91
CA ARG A 543 -2.45 26.74 -6.43
C ARG A 543 -2.39 26.70 -7.95
N TRP A 544 -2.94 27.74 -8.58
CA TRP A 544 -3.06 27.81 -10.02
C TRP A 544 -2.41 29.10 -10.52
N TYR A 545 -1.60 28.99 -11.56
CA TYR A 545 -0.93 30.16 -12.12
C TYR A 545 -1.18 30.23 -13.63
N ALA A 546 -1.51 31.42 -14.11
CA ALA A 546 -1.56 31.70 -15.54
C ALA A 546 -0.23 32.33 -15.91
N ILE A 547 0.56 31.63 -16.73
CA ILE A 547 1.92 32.06 -17.00
C ILE A 547 2.11 32.15 -18.52
N GLU A 548 2.84 33.17 -18.97
CA GLU A 548 3.00 33.41 -20.41
C GLU A 548 3.74 32.27 -21.11
N GLN A 549 4.84 31.83 -20.52
CA GLN A 549 5.68 30.78 -21.10
C GLN A 549 6.18 29.85 -19.99
N LEU A 550 6.26 28.55 -20.29
CA LEU A 550 6.92 27.60 -19.40
C LEU A 550 8.43 27.61 -19.67
N PRO A 551 9.24 27.42 -18.62
CA PRO A 551 10.68 27.21 -18.83
C PRO A 551 10.94 25.78 -19.34
N ARG A 552 11.92 25.63 -20.24
CA ARG A 552 12.19 24.32 -20.86
C ARG A 552 13.56 23.78 -20.49
N LYS A 557 11.16 20.12 -23.37
CA LYS A 557 10.55 19.52 -22.18
C LYS A 557 10.46 20.53 -21.03
N THR A 558 9.36 20.49 -20.29
CA THR A 558 9.13 21.47 -19.23
C THR A 558 10.14 21.28 -18.11
N ASP A 559 10.78 22.38 -17.70
CA ASP A 559 11.77 22.37 -16.64
C ASP A 559 11.09 22.55 -15.28
N ILE A 560 10.76 21.43 -14.64
CA ILE A 560 10.05 21.45 -13.35
C ILE A 560 10.81 22.21 -12.26
N LYS A 561 12.13 22.02 -12.22
CA LYS A 561 12.97 22.70 -11.22
C LYS A 561 12.89 24.22 -11.30
N ALA A 562 12.92 24.78 -12.51
CA ALA A 562 12.88 26.23 -12.69
C ALA A 562 11.57 26.81 -12.15
N LEU A 563 10.48 26.09 -12.41
CA LEU A 563 9.18 26.48 -11.86
C LEU A 563 9.23 26.40 -10.33
N GLN A 564 9.92 25.39 -9.79
CA GLN A 564 10.10 25.27 -8.35
C GLN A 564 10.88 26.47 -7.80
N GLN A 565 11.98 26.82 -8.48
CA GLN A 565 12.77 27.99 -8.11
C GLN A 565 11.92 29.24 -8.14
N GLN A 566 11.11 29.38 -9.18
CA GLN A 566 10.26 30.57 -9.30
C GLN A 566 9.29 30.65 -8.15
N LEU A 567 8.64 29.53 -7.84
CA LEU A 567 7.67 29.47 -6.74
C LEU A 567 8.31 29.81 -5.38
N ALA A 568 9.56 29.41 -5.20
CA ALA A 568 10.30 29.67 -3.97
C ALA A 568 10.49 31.17 -3.73
N SER A 569 10.54 31.94 -4.82
CA SER A 569 10.78 33.38 -4.77
C SER A 569 9.64 34.15 -4.14
N GLN A 570 8.45 33.57 -4.10
CA GLN A 570 7.31 34.24 -3.47
C GLN A 570 6.88 33.54 -2.16
N GAP B . 5.25 -0.76 -1.82
CA GAP B . 5.83 0.44 -1.15
C GAP B . 5.58 1.62 -2.06
O GAP B . 5.91 2.76 -1.76
PA GAP B . 4.49 2.40 -4.46
O1A GAP B . 4.21 1.52 -5.65
O2A GAP B . 3.42 3.34 -3.91
O3A GAP B . 4.93 1.36 -3.32
C5' GAP B . 6.89 2.57 -5.48
O5' GAP B . 5.81 3.23 -4.82
C4' GAP B . 7.99 3.58 -5.77
O4' GAP B . 8.29 4.30 -4.57
C3' GAP B . 9.30 2.95 -6.15
O3' GAP B . 9.35 2.63 -7.54
C2' GAP B . 10.30 4.03 -5.74
O2' GAP B . 10.30 5.08 -6.70
C1' GAP B . 9.68 4.66 -4.53
N9 GAP B . 10.29 4.09 -3.31
C8 GAP B . 9.78 3.08 -2.57
N7 GAP B . 10.56 2.81 -1.51
C5 GAP B . 11.62 3.64 -1.56
C6 GAP B . 12.84 3.88 -0.76
N6 GAP B . 13.07 3.15 0.36
N1 GAP B . 13.69 4.84 -1.18
C2 GAP B . 13.46 5.59 -2.28
N3 GAP B . 12.36 5.42 -3.07
C4 GAP B . 11.43 4.49 -2.75
#